data_7WA8
#
_entry.id   7WA8
#
_cell.length_a   74.573
_cell.length_b   78.338
_cell.length_c   90.923
_cell.angle_alpha   90.000
_cell.angle_beta   90.000
_cell.angle_gamma   90.000
#
_symmetry.space_group_name_H-M   'P 21 21 21'
#
loop_
_entity.id
_entity.type
_entity.pdbx_description
1 polymer 'Hyposensitive to light 7'
2 water water
#
_entity_poly.entity_id   1
_entity_poly.type   'polypeptide(L)'
_entity_poly.pdbx_seq_one_letter_code
;MSSIGLAHNVTILGSGETTVVLGHGYGTDQSVWKLLVPYLVDDYKVLLYDHMGAGTTNPDYFDFDRYSSLEGYSYDLIAI
LEEFQVSKCIYVGHSMSSMAAAVASIFRPDLFHKLVMISPTPRLINTEEYYGGFEQKVMDETLRSLDENFKSLSLGTAPL
LLACDLESAAMQEYCRTLFNMRPDIACCITRMICGLDLRPYLGHVTVPCHIIQSSNDIMVPVAVGEYLRKNLGGPSVVEV
MPTEGHLPHLSMPEVTIPVVLRHIRQDITDH
;
_entity_poly.pdbx_strand_id   A,B
#
# COMPACT_ATOMS: atom_id res chain seq x y z
N SER A 3 24.18 2.79 20.86
CA SER A 3 24.06 3.84 19.83
C SER A 3 22.63 4.40 19.78
N ILE A 4 22.52 5.64 19.30
CA ILE A 4 21.20 6.25 19.20
C ILE A 4 20.43 5.64 18.05
N GLY A 5 21.14 5.14 17.03
CA GLY A 5 20.48 4.39 15.97
C GLY A 5 19.92 3.07 16.48
N LEU A 6 20.71 2.35 17.28
CA LEU A 6 20.23 1.09 17.85
C LEU A 6 19.10 1.32 18.84
N ALA A 7 19.16 2.43 19.58
CA ALA A 7 18.16 2.63 20.61
C ALA A 7 16.78 2.94 20.01
N HIS A 8 16.75 3.50 18.80
CA HIS A 8 15.50 3.91 18.17
C HIS A 8 15.14 3.06 16.96
N ASN A 9 15.82 1.92 16.77
CA ASN A 9 15.57 1.05 15.60
C ASN A 9 15.54 1.85 14.31
N VAL A 10 16.47 2.79 14.15
CA VAL A 10 16.42 3.67 12.99
C VAL A 10 16.53 2.86 11.71
N THR A 11 15.66 3.15 10.75
CA THR A 11 15.65 2.48 9.47
C THR A 11 15.75 3.51 8.36
N ILE A 12 16.62 3.25 7.40
CA ILE A 12 16.91 4.15 6.30
C ILE A 12 16.58 3.43 5.01
N LEU A 13 15.74 4.03 4.18
CA LEU A 13 15.42 3.46 2.88
C LEU A 13 15.32 4.57 1.86
N GLY A 14 15.02 4.19 0.60
CA GLY A 14 14.89 5.05 -0.55
C GLY A 14 16.16 5.84 -0.87
N SER A 15 15.97 6.87 -1.70
CA SER A 15 17.10 7.59 -2.25
C SER A 15 16.62 8.96 -2.74
N GLY A 16 17.43 9.98 -2.55
CA GLY A 16 17.08 11.31 -3.03
C GLY A 16 17.81 12.41 -2.30
N GLU A 17 17.67 13.61 -2.86
CA GLU A 17 18.24 14.83 -2.27
C GLU A 17 17.55 15.21 -0.96
N THR A 18 16.27 14.84 -0.80
CA THR A 18 15.46 15.22 0.35
C THR A 18 15.19 13.99 1.22
N THR A 19 15.22 14.17 2.53
CA THR A 19 14.88 13.10 3.45
C THR A 19 13.47 13.30 4.01
N VAL A 20 12.65 12.25 3.93
CA VAL A 20 11.38 12.17 4.65
C VAL A 20 11.64 11.47 5.98
N VAL A 21 11.19 12.07 7.06
CA VAL A 21 11.37 11.49 8.39
C VAL A 21 9.97 11.16 8.93
N LEU A 22 9.76 9.91 9.30
CA LEU A 22 8.44 9.42 9.69
C LEU A 22 8.47 9.10 11.18
N GLY A 23 7.64 9.80 11.93
CA GLY A 23 7.59 9.60 13.36
C GLY A 23 6.20 9.13 13.71
N HIS A 24 6.11 8.00 14.37
CA HIS A 24 4.83 7.42 14.72
C HIS A 24 4.24 8.11 15.96
N GLY A 25 2.95 7.88 16.17
CA GLY A 25 2.25 8.47 17.29
C GLY A 25 2.20 7.54 18.49
N TYR A 26 1.43 7.97 19.49
CA TYR A 26 1.27 7.17 20.70
C TYR A 26 0.66 5.82 20.39
N GLY A 27 1.22 4.77 20.99
CA GLY A 27 0.64 3.45 20.90
C GLY A 27 1.00 2.64 19.68
N THR A 28 1.72 3.22 18.71
CA THR A 28 2.20 2.48 17.55
C THR A 28 3.72 2.42 17.54
N ASP A 29 4.28 2.04 16.40
CA ASP A 29 5.69 2.23 16.12
C ASP A 29 5.83 2.35 14.60
N GLN A 30 7.08 2.32 14.13
CA GLN A 30 7.34 2.64 12.73
C GLN A 30 6.70 1.66 11.77
N SER A 31 6.25 0.50 12.24
CA SER A 31 5.50 -0.38 11.37
C SER A 31 4.21 0.27 10.90
N VAL A 32 3.74 1.31 11.61
CA VAL A 32 2.49 1.98 11.24
C VAL A 32 2.59 2.64 9.87
N TRP A 33 3.81 2.85 9.35
CA TRP A 33 4.01 3.46 8.03
C TRP A 33 4.17 2.45 6.88
N LYS A 34 3.95 1.15 7.12
CA LYS A 34 4.32 0.14 6.11
C LYS A 34 3.63 0.38 4.79
N LEU A 35 2.41 0.93 4.80
CA LEU A 35 1.72 1.21 3.55
C LEU A 35 2.16 2.51 2.89
N LEU A 36 2.72 3.47 3.64
CA LEU A 36 3.06 4.73 2.99
C LEU A 36 4.42 4.66 2.31
N VAL A 37 5.41 4.03 2.96
CA VAL A 37 6.81 4.06 2.50
C VAL A 37 6.98 3.75 1.01
N PRO A 38 6.44 2.63 0.47
CA PRO A 38 6.76 2.27 -0.94
C PRO A 38 6.44 3.36 -1.95
N TYR A 39 5.51 4.25 -1.66
CA TYR A 39 5.29 5.38 -2.56
C TYR A 39 6.30 6.51 -2.38
N LEU A 40 7.23 6.37 -1.42
CA LEU A 40 8.25 7.40 -1.19
C LEU A 40 9.65 7.02 -1.69
N VAL A 41 10.01 5.73 -1.68
CA VAL A 41 11.40 5.31 -1.86
C VAL A 41 12.00 5.78 -3.19
N ASP A 42 11.18 5.91 -4.24
CA ASP A 42 11.67 6.34 -5.55
C ASP A 42 12.16 7.78 -5.57
N ASP A 43 11.56 8.65 -4.75
CA ASP A 43 11.77 10.09 -4.87
C ASP A 43 12.45 10.72 -3.68
N TYR A 44 12.47 10.04 -2.54
CA TYR A 44 13.04 10.54 -1.32
C TYR A 44 13.76 9.40 -0.63
N LYS A 45 14.80 9.75 0.12
CA LYS A 45 15.32 8.86 1.16
C LYS A 45 14.45 9.01 2.40
N VAL A 46 14.24 7.89 3.10
CA VAL A 46 13.24 7.79 4.15
C VAL A 46 13.92 7.31 5.42
N LEU A 47 13.77 8.07 6.49
CA LEU A 47 14.29 7.70 7.79
C LEU A 47 13.12 7.48 8.72
N LEU A 48 13.00 6.26 9.23
CA LEU A 48 11.96 5.90 10.18
C LEU A 48 12.60 5.55 11.50
N TYR A 49 11.85 5.77 12.58
CA TYR A 49 12.40 5.56 13.91
C TYR A 49 11.25 5.35 14.87
N ASP A 50 11.59 4.81 16.04
CA ASP A 50 10.66 4.54 17.13
C ASP A 50 10.96 5.49 18.28
N HIS A 51 9.93 6.17 18.78
CA HIS A 51 10.14 7.06 19.91
C HIS A 51 10.23 6.22 21.19
N MET A 52 10.97 6.77 22.16
CA MET A 52 11.32 6.01 23.35
C MET A 52 10.08 5.65 24.16
N GLY A 53 10.01 4.41 24.59
CA GLY A 53 8.83 3.90 25.24
C GLY A 53 7.94 3.07 24.36
N ALA A 54 8.17 3.08 23.04
CA ALA A 54 7.51 2.10 22.18
C ALA A 54 7.94 0.72 22.63
N GLY A 55 7.03 -0.25 22.50
CA GLY A 55 7.30 -1.59 22.97
C GLY A 55 8.57 -2.18 22.37
N THR A 56 8.95 -1.72 21.19
CA THR A 56 10.18 -2.20 20.55
C THR A 56 11.45 -1.52 21.08
N THR A 57 11.37 -0.68 22.11
CA THR A 57 12.56 -0.05 22.66
C THR A 57 12.82 -0.58 24.07
N ASN A 58 14.05 -0.41 24.53
CA ASN A 58 14.47 -0.99 25.79
C ASN A 58 13.74 -0.35 26.97
N PRO A 59 13.12 -1.14 27.85
CA PRO A 59 12.52 -0.56 29.07
C PRO A 59 13.52 0.20 29.93
N ASP A 60 14.75 -0.29 30.02
CA ASP A 60 15.77 0.34 30.88
C ASP A 60 16.24 1.68 30.35
N TYR A 61 15.95 2.03 29.10
CA TYR A 61 16.38 3.31 28.56
C TYR A 61 15.29 4.36 28.61
N PHE A 62 14.19 4.10 29.32
CA PHE A 62 13.08 5.03 29.40
C PHE A 62 13.23 5.92 30.64
N ASP A 63 13.41 7.21 30.42
CA ASP A 63 13.62 8.14 31.53
C ASP A 63 12.27 8.73 31.92
N PHE A 64 11.79 8.37 33.11
CA PHE A 64 10.42 8.70 33.49
C PHE A 64 10.20 10.19 33.63
N ASP A 65 11.18 10.90 34.20
CA ASP A 65 11.07 12.34 34.32
C ASP A 65 11.40 13.05 33.02
N ARG A 66 12.30 12.48 32.21
CA ARG A 66 12.62 13.09 30.93
C ARG A 66 11.44 13.00 29.95
N TYR A 67 10.65 11.94 30.02
CA TYR A 67 9.54 11.73 29.09
C TYR A 67 8.19 12.12 29.67
N SER A 68 8.13 12.65 30.89
CA SER A 68 6.91 13.27 31.37
C SER A 68 6.70 14.66 30.79
N SER A 69 7.58 15.10 29.91
CA SER A 69 7.43 16.36 29.20
C SER A 69 7.73 16.13 27.72
N LEU A 70 7.06 16.91 26.88
CA LEU A 70 7.13 16.67 25.44
C LEU A 70 8.57 16.79 24.91
N GLU A 71 9.31 17.81 25.35
CA GLU A 71 10.60 18.12 24.73
C GLU A 71 11.64 17.03 24.95
N GLY A 72 11.41 16.10 25.88
CA GLY A 72 12.22 14.90 25.90
C GLY A 72 12.26 14.21 24.55
N TYR A 73 11.13 14.20 23.84
CA TYR A 73 11.11 13.60 22.52
C TYR A 73 11.70 14.54 21.49
N SER A 74 11.37 15.82 21.58
CA SER A 74 11.94 16.81 20.69
C SER A 74 13.47 16.67 20.65
N TYR A 75 14.11 16.67 21.84
CA TYR A 75 15.56 16.53 21.89
C TYR A 75 16.01 15.19 21.34
N ASP A 76 15.28 14.11 21.64
CA ASP A 76 15.60 12.84 21.01
C ASP A 76 15.56 12.95 19.50
N LEU A 77 14.55 13.65 18.98
CA LEU A 77 14.43 13.77 17.53
C LEU A 77 15.62 14.53 16.96
N ILE A 78 15.97 15.66 17.60
CA ILE A 78 17.11 16.44 17.15
C ILE A 78 18.36 15.56 17.12
N ALA A 79 18.55 14.74 18.14
CA ALA A 79 19.77 13.95 18.23
C ALA A 79 19.81 12.87 17.16
N ILE A 80 18.65 12.40 16.72
CA ILE A 80 18.61 11.42 15.64
C ILE A 80 19.02 12.06 14.32
N LEU A 81 18.47 13.24 14.04
CA LEU A 81 18.81 13.92 12.80
C LEU A 81 20.29 14.30 12.76
N GLU A 82 20.83 14.81 13.87
CA GLU A 82 22.25 15.10 13.95
C GLU A 82 23.07 13.85 13.68
N GLU A 83 22.73 12.76 14.38
CA GLU A 83 23.44 11.50 14.21
C GLU A 83 23.49 11.08 12.74
N PHE A 84 22.35 11.09 12.08
CA PHE A 84 22.27 10.61 10.70
C PHE A 84 22.43 11.74 9.68
N GLN A 85 22.81 12.93 10.13
CA GLN A 85 23.26 14.01 9.23
C GLN A 85 22.17 14.45 8.28
N VAL A 86 20.96 14.57 8.80
CA VAL A 86 19.80 14.98 8.02
C VAL A 86 19.60 16.47 8.22
N SER A 87 19.32 17.19 7.15
CA SER A 87 19.08 18.61 7.21
C SER A 87 17.86 18.95 6.37
N LYS A 88 17.11 19.95 6.81
CA LYS A 88 15.93 20.44 6.07
C LYS A 88 15.04 19.27 5.61
N CYS A 89 14.78 18.35 6.54
CA CYS A 89 13.96 17.19 6.23
C CYS A 89 12.50 17.61 6.06
N ILE A 90 11.71 16.67 5.56
CA ILE A 90 10.25 16.78 5.51
C ILE A 90 9.73 15.82 6.57
N TYR A 91 9.36 16.36 7.74
CA TYR A 91 8.94 15.54 8.86
C TYR A 91 7.45 15.22 8.76
N VAL A 92 7.11 13.93 8.84
CA VAL A 92 5.73 13.47 8.81
C VAL A 92 5.46 12.78 10.15
N GLY A 93 4.60 13.40 10.96
CA GLY A 93 4.29 12.88 12.27
C GLY A 93 2.79 12.70 12.46
N HIS A 94 2.47 11.86 13.42
CA HIS A 94 1.10 11.68 13.86
C HIS A 94 0.97 12.16 15.30
N SER A 95 -0.05 12.98 15.56
CA SER A 95 -0.48 13.34 16.93
C SER A 95 0.68 13.98 17.68
N MET A 96 0.97 13.55 18.91
CA MET A 96 2.08 13.99 19.77
C MET A 96 3.37 14.13 18.98
N SER A 97 3.65 13.14 18.13
CA SER A 97 4.87 13.13 17.32
C SER A 97 5.00 14.42 16.50
N SER A 98 3.93 14.85 15.85
CA SER A 98 4.03 16.07 15.08
C SER A 98 4.25 17.29 15.97
N MET A 99 3.69 17.26 17.20
CA MET A 99 3.91 18.38 18.12
C MET A 99 5.34 18.42 18.63
N ALA A 100 5.87 17.28 19.08
CA ALA A 100 7.29 17.22 19.42
C ALA A 100 8.15 17.76 18.29
N ALA A 101 7.79 17.43 17.04
CA ALA A 101 8.58 17.95 15.91
C ALA A 101 8.42 19.46 15.79
N ALA A 102 7.21 19.98 16.02
CA ALA A 102 7.05 21.43 15.99
C ALA A 102 7.88 22.09 17.09
N VAL A 103 7.93 21.50 18.27
CA VAL A 103 8.84 22.01 19.30
C VAL A 103 10.30 21.92 18.83
N ALA A 104 10.69 20.76 18.27
CA ALA A 104 12.07 20.62 17.78
C ALA A 104 12.37 21.67 16.72
N SER A 105 11.38 22.02 15.91
CA SER A 105 11.62 23.02 14.85
C SER A 105 11.80 24.42 15.42
N ILE A 106 11.34 24.67 16.64
CA ILE A 106 11.60 25.96 17.27
C ILE A 106 13.06 26.08 17.67
N PHE A 107 13.63 25.01 18.25
CA PHE A 107 15.02 25.04 18.70
C PHE A 107 15.99 25.01 17.51
N ARG A 108 15.63 24.30 16.44
CA ARG A 108 16.56 23.95 15.35
C ARG A 108 15.81 23.98 14.03
N PRO A 109 15.40 25.16 13.56
CA PRO A 109 14.61 25.23 12.32
C PRO A 109 15.41 24.90 11.07
N ASP A 110 16.74 24.86 11.16
CA ASP A 110 17.55 24.40 10.05
C ASP A 110 17.32 22.93 9.74
N LEU A 111 16.84 22.16 10.73
CA LEU A 111 16.59 20.74 10.52
C LEU A 111 15.33 20.45 9.73
N PHE A 112 14.45 21.44 9.54
CA PHE A 112 13.12 21.14 9.03
C PHE A 112 12.79 22.01 7.84
N HIS A 113 12.48 21.37 6.71
CA HIS A 113 11.91 22.05 5.56
C HIS A 113 10.40 22.24 5.71
N LYS A 114 9.72 21.25 6.29
CA LYS A 114 8.29 21.34 6.47
C LYS A 114 7.76 20.27 7.42
N LEU A 115 6.62 20.55 8.05
CA LEU A 115 6.01 19.62 8.98
C LEU A 115 4.67 19.18 8.40
N VAL A 116 4.53 17.88 8.17
CA VAL A 116 3.26 17.31 7.74
C VAL A 116 2.70 16.57 8.93
N MET A 117 1.62 17.12 9.49
CA MET A 117 1.07 16.69 10.77
C MET A 117 -0.28 16.03 10.56
N ILE A 118 -0.43 14.79 11.04
CA ILE A 118 -1.69 14.05 10.98
C ILE A 118 -2.37 14.10 12.34
N SER A 119 -3.55 14.72 12.39
CA SER A 119 -4.34 14.86 13.60
C SER A 119 -3.57 15.47 14.79
N PRO A 120 -2.95 16.64 14.61
CA PRO A 120 -2.30 17.28 15.76
C PRO A 120 -3.34 17.97 16.63
N THR A 121 -2.95 18.20 17.88
CA THR A 121 -3.73 19.06 18.74
C THR A 121 -2.77 19.69 19.74
N PRO A 122 -2.90 20.98 20.02
CA PRO A 122 -2.03 21.61 21.00
C PRO A 122 -2.51 21.45 22.44
N ARG A 123 -3.76 21.00 22.65
CA ARG A 123 -4.36 20.87 23.97
C ARG A 123 -5.69 20.10 23.89
N LEU A 124 -5.89 19.13 24.80
CA LEU A 124 -7.10 18.29 24.85
C LEU A 124 -8.17 18.85 25.80
N ILE A 125 -7.75 19.42 26.94
CA ILE A 125 -8.67 19.88 27.98
C ILE A 125 -9.26 21.23 27.58
N ASN A 126 -10.53 21.42 27.87
CA ASN A 126 -11.21 22.66 27.51
C ASN A 126 -10.89 23.78 28.51
N THR A 127 -11.04 25.02 28.03
CA THR A 127 -11.26 26.19 28.88
C THR A 127 -12.56 26.77 28.36
N GLU A 128 -12.88 28.03 28.68
CA GLU A 128 -14.14 28.57 28.20
C GLU A 128 -14.07 28.99 26.74
N GLU A 129 -12.91 29.49 26.31
CA GLU A 129 -12.77 30.13 25.01
C GLU A 129 -12.12 29.24 23.96
N TYR A 130 -11.71 28.04 24.34
CA TYR A 130 -11.04 27.13 23.42
C TYR A 130 -11.58 25.73 23.64
N TYR A 131 -12.15 25.15 22.60
CA TYR A 131 -12.74 23.82 22.68
C TYR A 131 -11.72 22.78 22.20
N GLY A 132 -11.21 21.97 23.12
CA GLY A 132 -10.23 20.93 22.83
C GLY A 132 -10.80 19.52 22.67
N GLY A 133 -12.02 19.30 23.19
CA GLY A 133 -12.69 18.02 23.14
C GLY A 133 -12.90 17.35 24.48
N PHE A 134 -12.29 17.83 25.56
CA PHE A 134 -12.42 17.17 26.86
C PHE A 134 -12.56 18.18 27.99
N GLU A 135 -13.61 18.01 28.78
CA GLU A 135 -13.74 18.79 30.00
C GLU A 135 -12.76 18.29 31.04
N GLN A 136 -12.22 19.21 31.83
CA GLN A 136 -11.17 18.86 32.80
C GLN A 136 -11.63 17.80 33.79
N LYS A 137 -12.93 17.70 34.06
CA LYS A 137 -13.40 16.77 35.08
C LYS A 137 -13.44 15.33 34.58
N VAL A 138 -13.81 15.11 33.32
CA VAL A 138 -13.74 13.77 32.76
C VAL A 138 -12.30 13.30 32.70
N MET A 139 -11.40 14.19 32.27
CA MET A 139 -10.00 13.82 32.13
C MET A 139 -9.37 13.50 33.47
N ASP A 140 -9.50 14.41 34.44
CA ASP A 140 -8.90 14.20 35.75
C ASP A 140 -9.43 12.93 36.40
N GLU A 141 -10.74 12.67 36.26
CA GLU A 141 -11.27 11.42 36.79
C GLU A 141 -10.71 10.19 36.08
N THR A 142 -10.54 10.27 34.76
CA THR A 142 -9.93 9.15 34.06
C THR A 142 -8.47 9.01 34.43
N LEU A 143 -7.71 10.12 34.44
CA LEU A 143 -6.29 10.04 34.73
C LEU A 143 -6.04 9.58 36.18
N ARG A 144 -6.89 10.02 37.12
CA ARG A 144 -6.70 9.65 38.51
C ARG A 144 -6.71 8.13 38.67
N SER A 145 -7.66 7.46 38.02
CA SER A 145 -7.83 6.03 38.13
C SER A 145 -7.31 5.27 36.91
N LEU A 146 -6.53 5.95 36.05
CA LEU A 146 -6.04 5.28 34.85
C LEU A 146 -5.11 4.11 35.20
N ASP A 147 -4.37 4.20 36.31
CA ASP A 147 -3.44 3.14 36.67
C ASP A 147 -4.13 1.79 36.76
N GLU A 148 -5.20 1.70 37.55
CA GLU A 148 -5.79 0.41 37.85
C GLU A 148 -6.58 -0.16 36.66
N ASN A 149 -7.22 0.71 35.89
CA ASN A 149 -8.14 0.30 34.84
C ASN A 149 -7.50 0.30 33.47
N PHE A 150 -6.17 0.12 33.40
CA PHE A 150 -5.47 0.43 32.17
C PHE A 150 -5.94 -0.43 31.01
N LYS A 151 -5.80 -1.76 31.11
CA LYS A 151 -6.04 -2.58 29.93
C LYS A 151 -7.50 -2.50 29.50
N SER A 152 -8.43 -2.43 30.45
CA SER A 152 -9.84 -2.44 30.06
C SER A 152 -10.25 -1.09 29.48
N LEU A 153 -9.69 0.02 30.00
CA LEU A 153 -10.03 1.32 29.46
C LEU A 153 -9.56 1.48 28.00
N SER A 154 -8.44 0.87 27.64
CA SER A 154 -7.88 1.02 26.31
C SER A 154 -8.45 0.02 25.31
N LEU A 155 -8.80 -1.20 25.74
CA LEU A 155 -9.62 -2.07 24.90
C LEU A 155 -10.92 -1.38 24.54
N GLY A 156 -11.58 -0.77 25.53
CA GLY A 156 -12.89 -0.20 25.31
C GLY A 156 -12.89 1.12 24.59
N THR A 157 -11.81 1.89 24.71
CA THR A 157 -11.75 3.14 23.97
C THR A 157 -11.08 3.02 22.60
N ALA A 158 -10.25 2.01 22.36
CA ALA A 158 -9.56 1.93 21.07
C ALA A 158 -10.53 1.91 19.88
N PRO A 159 -11.64 1.15 19.90
CA PRO A 159 -12.56 1.22 18.76
C PRO A 159 -13.10 2.60 18.50
N LEU A 160 -13.36 3.39 19.55
CA LEU A 160 -13.85 4.74 19.31
C LEU A 160 -12.71 5.71 18.95
N LEU A 161 -11.52 5.54 19.54
CA LEU A 161 -10.37 6.33 19.15
C LEU A 161 -10.10 6.17 17.66
N LEU A 162 -9.96 4.92 17.21
CA LEU A 162 -9.64 4.57 15.83
C LEU A 162 -10.84 4.66 14.91
N ALA A 163 -12.04 4.78 15.47
CA ALA A 163 -13.27 4.73 14.69
C ALA A 163 -13.25 3.54 13.76
N CYS A 164 -12.93 2.38 14.31
CA CYS A 164 -12.91 1.16 13.54
C CYS A 164 -13.54 0.03 14.33
N ASP A 165 -13.88 -1.05 13.60
CA ASP A 165 -14.39 -2.30 14.15
C ASP A 165 -13.30 -3.05 14.90
N LEU A 166 -13.73 -3.85 15.89
CA LEU A 166 -12.80 -4.77 16.54
C LEU A 166 -12.27 -5.82 15.58
N GLU A 167 -13.06 -6.17 14.56
CA GLU A 167 -12.62 -7.18 13.61
C GLU A 167 -11.42 -6.72 12.79
N SER A 168 -11.32 -5.41 12.56
CA SER A 168 -10.53 -4.89 11.47
C SER A 168 -9.04 -5.18 11.64
N ALA A 169 -8.35 -5.20 10.49
CA ALA A 169 -6.90 -5.26 10.52
C ALA A 169 -6.33 -4.11 11.34
N ALA A 170 -6.89 -2.91 11.17
CA ALA A 170 -6.32 -1.74 11.84
C ALA A 170 -6.34 -1.92 13.35
N MET A 171 -7.50 -2.32 13.88
CA MET A 171 -7.64 -2.55 15.31
C MET A 171 -6.68 -3.62 15.79
N GLN A 172 -6.60 -4.73 15.07
CA GLN A 172 -5.70 -5.81 15.46
C GLN A 172 -4.27 -5.30 15.59
N GLU A 173 -3.85 -4.45 14.63
CA GLU A 173 -2.48 -3.95 14.63
C GLU A 173 -2.26 -2.93 15.74
N TYR A 174 -3.17 -1.96 15.89
CA TYR A 174 -3.01 -0.94 16.93
C TYR A 174 -2.90 -1.56 18.32
N CYS A 175 -3.74 -2.56 18.63
CA CYS A 175 -3.68 -3.21 19.93
C CYS A 175 -2.40 -4.01 20.08
N ARG A 176 -1.90 -4.58 18.97
CA ARG A 176 -0.62 -5.26 18.95
C ARG A 176 0.46 -4.36 19.52
N THR A 177 0.65 -3.19 18.90
CA THR A 177 1.72 -2.29 19.34
C THR A 177 1.37 -1.62 20.66
N LEU A 178 0.12 -1.21 20.83
CA LEU A 178 -0.26 -0.54 22.07
C LEU A 178 0.00 -1.43 23.28
N PHE A 179 -0.41 -2.69 23.20
CA PHE A 179 -0.15 -3.62 24.30
C PHE A 179 1.28 -4.13 24.33
N ASN A 180 2.08 -3.79 23.33
CA ASN A 180 3.50 -4.08 23.37
C ASN A 180 4.25 -3.19 24.36
N MET A 181 3.68 -2.05 24.75
CA MET A 181 4.34 -1.22 25.75
C MET A 181 4.11 -1.77 27.15
N ARG A 182 5.08 -1.54 28.03
CA ARG A 182 4.86 -1.73 29.46
C ARG A 182 3.81 -0.75 29.95
N PRO A 183 2.92 -1.15 30.85
CA PRO A 183 1.80 -0.27 31.20
C PRO A 183 2.23 0.97 31.96
N ASP A 184 3.29 0.88 32.77
CA ASP A 184 3.75 2.07 33.49
C ASP A 184 4.39 3.10 32.55
N ILE A 185 5.09 2.63 31.52
CA ILE A 185 5.58 3.55 30.50
C ILE A 185 4.42 4.18 29.75
N ALA A 186 3.42 3.37 29.41
CA ALA A 186 2.28 3.86 28.64
C ALA A 186 1.50 4.96 29.37
N CYS A 187 1.19 4.74 30.66
CA CYS A 187 0.42 5.72 31.42
C CYS A 187 1.19 7.03 31.59
N CYS A 188 2.49 6.95 31.85
CA CYS A 188 3.35 8.12 31.83
C CYS A 188 3.17 8.91 30.54
N ILE A 189 3.40 8.26 29.41
CA ILE A 189 3.24 8.92 28.12
C ILE A 189 1.83 9.47 27.98
N THR A 190 0.83 8.66 28.33
CA THR A 190 -0.57 9.11 28.32
C THR A 190 -0.73 10.36 29.17
N ARG A 191 -0.19 10.35 30.39
CA ARG A 191 -0.35 11.49 31.27
C ARG A 191 0.35 12.71 30.69
N MET A 192 1.52 12.52 30.06
CA MET A 192 2.18 13.65 29.39
C MET A 192 1.31 14.23 28.30
N ILE A 193 0.79 13.37 27.42
CA ILE A 193 -0.07 13.80 26.31
C ILE A 193 -1.29 14.55 26.81
N CYS A 194 -1.97 14.01 27.83
CA CYS A 194 -3.22 14.63 28.28
C CYS A 194 -2.97 15.89 29.08
N GLY A 195 -1.76 16.11 29.61
CA GLY A 195 -1.49 17.30 30.39
C GLY A 195 -0.86 18.40 29.57
N LEU A 196 -0.99 18.29 28.26
CA LEU A 196 -0.26 19.13 27.33
C LEU A 196 -1.05 20.38 26.96
N ASP A 197 -0.35 21.50 26.80
CA ASP A 197 -0.95 22.72 26.28
C ASP A 197 0.13 23.49 25.55
N LEU A 198 0.14 23.39 24.22
CA LEU A 198 1.19 23.99 23.41
C LEU A 198 0.79 25.29 22.76
N ARG A 199 -0.41 25.80 23.07
CA ARG A 199 -0.84 27.08 22.50
C ARG A 199 0.12 28.24 22.75
N PRO A 200 0.72 28.42 23.94
CA PRO A 200 1.70 29.52 24.09
C PRO A 200 2.83 29.44 23.08
N TYR A 201 3.12 28.26 22.53
CA TYR A 201 4.31 28.06 21.70
C TYR A 201 4.03 28.18 20.20
N LEU A 202 2.76 28.09 19.77
CA LEU A 202 2.46 28.00 18.34
C LEU A 202 3.05 29.16 17.56
N GLY A 203 2.94 30.38 18.10
CA GLY A 203 3.41 31.57 17.39
C GLY A 203 4.91 31.58 17.12
N HIS A 204 5.65 30.71 17.80
CA HIS A 204 7.09 30.62 17.63
C HIS A 204 7.52 29.60 16.58
N VAL A 205 6.62 28.74 16.14
CA VAL A 205 6.87 27.81 15.03
C VAL A 205 6.86 28.60 13.73
N THR A 206 7.94 28.51 12.96
CA THR A 206 7.97 29.22 11.70
C THR A 206 8.01 28.32 10.46
N VAL A 207 8.40 27.05 10.60
CA VAL A 207 8.54 26.19 9.43
C VAL A 207 7.13 25.96 8.86
N PRO A 208 7.01 25.82 7.55
CA PRO A 208 5.69 25.49 6.95
C PRO A 208 5.04 24.29 7.60
N CYS A 209 3.71 24.35 7.74
CA CYS A 209 2.96 23.34 8.44
C CYS A 209 1.75 22.87 7.62
N HIS A 210 1.67 21.57 7.41
CA HIS A 210 0.59 20.97 6.65
C HIS A 210 -0.26 20.15 7.64
N ILE A 211 -1.40 20.71 8.03
CA ILE A 211 -2.26 20.09 9.02
C ILE A 211 -3.28 19.20 8.31
N ILE A 212 -3.22 17.90 8.56
CA ILE A 212 -4.12 16.92 7.96
C ILE A 212 -4.96 16.30 9.06
N GLN A 213 -6.27 16.27 8.87
CA GLN A 213 -7.23 15.96 9.93
C GLN A 213 -8.38 15.13 9.40
N SER A 214 -8.91 14.26 10.26
CA SER A 214 -10.20 13.62 10.01
C SER A 214 -11.33 14.64 10.20
N SER A 215 -12.45 14.42 9.53
CA SER A 215 -13.59 15.30 9.78
C SER A 215 -14.35 14.93 11.05
N ASN A 216 -14.10 13.75 11.62
CA ASN A 216 -14.74 13.32 12.86
C ASN A 216 -13.70 12.53 13.65
N ASP A 217 -13.10 13.19 14.63
CA ASP A 217 -12.03 12.62 15.45
C ASP A 217 -12.35 13.02 16.87
N ILE A 218 -12.61 12.04 17.75
CA ILE A 218 -13.01 12.37 19.11
C ILE A 218 -11.91 13.03 19.93
N MET A 219 -10.66 13.00 19.47
CA MET A 219 -9.57 13.70 20.12
C MET A 219 -9.23 15.02 19.45
N VAL A 220 -9.79 15.27 18.27
CA VAL A 220 -9.42 16.44 17.51
C VAL A 220 -10.69 17.05 16.94
N PRO A 221 -11.37 17.94 17.66
CA PRO A 221 -12.45 18.71 17.04
C PRO A 221 -11.95 19.35 15.77
N VAL A 222 -12.80 19.38 14.74
CA VAL A 222 -12.39 19.92 13.45
C VAL A 222 -11.91 21.37 13.60
N ALA A 223 -12.49 22.12 14.54
CA ALA A 223 -12.12 23.54 14.67
C ALA A 223 -10.70 23.71 15.19
N VAL A 224 -10.20 22.74 15.94
CA VAL A 224 -8.81 22.77 16.40
C VAL A 224 -7.86 22.85 15.20
N GLY A 225 -8.20 22.18 14.11
CA GLY A 225 -7.44 22.30 12.88
C GLY A 225 -7.26 23.75 12.47
N GLU A 226 -8.37 24.46 12.30
CA GLU A 226 -8.32 25.85 11.88
C GLU A 226 -7.67 26.74 12.93
N TYR A 227 -7.81 26.37 14.21
CA TYR A 227 -7.11 27.09 15.27
C TYR A 227 -5.60 27.09 15.03
N LEU A 228 -5.06 25.98 14.51
CA LEU A 228 -3.62 25.88 14.31
C LEU A 228 -3.16 26.77 13.16
N ARG A 229 -3.86 26.71 12.01
CA ARG A 229 -3.50 27.58 10.90
C ARG A 229 -3.45 29.04 11.33
N LYS A 230 -4.42 29.47 12.13
CA LYS A 230 -4.46 30.87 12.55
C LYS A 230 -3.35 31.20 13.53
N ASN A 231 -3.06 30.30 14.47
CA ASN A 231 -2.13 30.64 15.53
C ASN A 231 -0.70 30.17 15.28
N LEU A 232 -0.44 29.47 14.19
CA LEU A 232 0.92 29.07 13.90
C LEU A 232 1.69 30.27 13.36
N GLY A 233 3.00 30.27 13.57
CA GLY A 233 3.82 31.43 13.29
C GLY A 233 4.27 31.56 11.86
N GLY A 234 4.29 30.46 11.10
CA GLY A 234 4.68 30.50 9.71
C GLY A 234 3.56 30.03 8.80
N PRO A 235 3.91 29.66 7.56
CA PRO A 235 2.87 29.29 6.59
C PRO A 235 2.19 27.98 6.97
N SER A 236 1.00 27.79 6.43
CA SER A 236 0.12 26.80 7.02
C SER A 236 -0.97 26.43 6.02
N VAL A 237 -1.33 25.15 5.98
CA VAL A 237 -2.53 24.72 5.28
C VAL A 237 -3.21 23.67 6.13
N VAL A 238 -4.47 23.49 5.82
CA VAL A 238 -5.36 22.60 6.54
C VAL A 238 -6.08 21.77 5.49
N GLU A 239 -6.14 20.46 5.71
CA GLU A 239 -6.96 19.59 4.89
C GLU A 239 -7.77 18.72 5.84
N VAL A 240 -9.08 18.92 5.80
CA VAL A 240 -10.03 18.11 6.58
C VAL A 240 -10.52 17.00 5.66
N MET A 241 -10.04 15.82 5.87
CA MET A 241 -10.31 14.71 4.99
C MET A 241 -11.68 14.11 5.27
N PRO A 242 -12.31 13.52 4.27
CA PRO A 242 -13.53 12.72 4.53
C PRO A 242 -13.18 11.38 5.16
N THR A 243 -12.69 11.43 6.39
CA THR A 243 -12.29 10.23 7.12
C THR A 243 -12.81 10.31 8.56
N GLU A 244 -12.58 9.24 9.30
CA GLU A 244 -13.04 9.18 10.67
C GLU A 244 -12.01 8.44 11.50
N GLY A 245 -11.82 8.89 12.73
CA GLY A 245 -10.86 8.31 13.64
C GLY A 245 -9.56 9.11 13.71
N HIS A 246 -8.80 8.87 14.79
CA HIS A 246 -7.61 9.64 15.16
C HIS A 246 -6.34 9.16 14.45
N LEU A 247 -6.36 7.94 13.89
CA LEU A 247 -5.21 7.36 13.18
C LEU A 247 -5.66 7.00 11.76
N PRO A 248 -6.05 7.99 10.97
CA PRO A 248 -6.64 7.66 9.66
C PRO A 248 -5.63 7.09 8.69
N HIS A 249 -4.32 7.34 8.91
CA HIS A 249 -3.30 6.69 8.10
C HIS A 249 -3.26 5.18 8.35
N LEU A 250 -3.67 4.75 9.54
CA LEU A 250 -3.71 3.32 9.80
C LEU A 250 -5.04 2.72 9.40
N SER A 251 -6.14 3.45 9.61
CA SER A 251 -7.49 2.93 9.51
C SER A 251 -8.18 3.26 8.20
N MET A 252 -7.83 4.34 7.55
CA MET A 252 -8.40 4.68 6.24
C MET A 252 -7.28 5.04 5.25
N PRO A 253 -6.31 4.13 5.03
CA PRO A 253 -5.18 4.46 4.17
C PRO A 253 -5.58 4.79 2.75
N GLU A 254 -6.76 4.39 2.32
CA GLU A 254 -7.12 4.63 0.93
C GLU A 254 -7.41 6.10 0.69
N VAL A 255 -7.95 6.78 1.69
CA VAL A 255 -8.09 8.23 1.57
C VAL A 255 -6.83 8.94 2.02
N THR A 256 -6.25 8.44 3.12
CA THR A 256 -5.24 9.20 3.84
C THR A 256 -3.92 9.26 3.08
N ILE A 257 -3.48 8.14 2.54
CA ILE A 257 -2.18 8.10 1.89
C ILE A 257 -2.11 9.04 0.69
N PRO A 258 -3.10 9.08 -0.21
CA PRO A 258 -3.01 10.10 -1.29
C PRO A 258 -2.88 11.52 -0.76
N VAL A 259 -3.59 11.86 0.32
CA VAL A 259 -3.53 13.21 0.87
C VAL A 259 -2.16 13.49 1.48
N VAL A 260 -1.65 12.53 2.25
CA VAL A 260 -0.32 12.69 2.82
C VAL A 260 0.71 12.93 1.73
N LEU A 261 0.67 12.15 0.67
CA LEU A 261 1.71 12.23 -0.37
C LEU A 261 1.67 13.58 -1.08
N ARG A 262 0.47 14.13 -1.28
CA ARG A 262 0.39 15.44 -1.90
C ARG A 262 1.08 16.49 -1.04
N HIS A 263 0.76 16.52 0.27
CA HIS A 263 1.37 17.55 1.12
C HIS A 263 2.87 17.33 1.30
N ILE A 264 3.32 16.07 1.21
CA ILE A 264 4.76 15.80 1.18
C ILE A 264 5.39 16.42 -0.06
N ARG A 265 4.76 16.21 -1.21
CA ARG A 265 5.33 16.52 -2.52
C ARG A 265 5.04 17.93 -2.98
N GLN A 266 4.04 18.61 -2.43
CA GLN A 266 3.73 19.98 -2.81
C GLN A 266 3.93 20.89 -1.61
N ASP A 267 4.44 22.09 -1.88
CA ASP A 267 4.66 23.07 -0.83
C ASP A 267 3.64 24.19 -0.96
N ILE A 268 3.23 24.73 0.19
CA ILE A 268 2.50 25.99 0.17
C ILE A 268 3.33 27.06 -0.51
N THR A 269 4.60 27.11 -0.16
CA THR A 269 5.42 28.31 -0.29
C THR A 269 6.38 28.27 -1.48
N SER B 3 0.92 -31.89 -2.54
CA SER B 3 -0.26 -31.06 -2.35
C SER B 3 -0.27 -29.82 -3.27
N ILE B 4 -1.47 -29.52 -3.75
CA ILE B 4 -1.71 -28.40 -4.66
C ILE B 4 -1.25 -27.10 -4.02
N GLY B 5 -1.54 -26.93 -2.72
CA GLY B 5 -1.30 -25.66 -2.06
C GLY B 5 0.15 -25.43 -1.74
N LEU B 6 0.93 -26.49 -1.50
CA LEU B 6 2.37 -26.31 -1.36
C LEU B 6 3.02 -26.04 -2.73
N ALA B 7 2.54 -26.71 -3.78
CA ALA B 7 3.12 -26.53 -5.10
C ALA B 7 3.02 -25.08 -5.59
N HIS B 8 1.91 -24.41 -5.27
CA HIS B 8 1.59 -23.09 -5.79
C HIS B 8 1.68 -21.99 -4.73
N ASN B 9 2.28 -22.30 -3.58
CA ASN B 9 2.56 -21.31 -2.52
C ASN B 9 1.31 -20.55 -2.12
N VAL B 10 0.19 -21.26 -1.99
CA VAL B 10 -1.09 -20.58 -1.79
C VAL B 10 -1.08 -19.88 -0.45
N THR B 11 -1.48 -18.61 -0.45
CA THR B 11 -1.68 -17.85 0.78
C THR B 11 -3.14 -17.45 0.85
N ILE B 12 -3.74 -17.66 2.01
CA ILE B 12 -5.13 -17.30 2.28
C ILE B 12 -5.13 -16.16 3.29
N LEU B 13 -5.81 -15.07 2.97
CA LEU B 13 -5.83 -13.90 3.81
C LEU B 13 -7.25 -13.40 3.92
N GLY B 14 -7.45 -12.52 4.91
CA GLY B 14 -8.71 -11.84 5.12
C GLY B 14 -9.80 -12.77 5.61
N SER B 15 -11.05 -12.38 5.33
CA SER B 15 -12.30 -13.00 5.79
C SER B 15 -13.44 -12.33 5.03
N GLY B 16 -14.52 -13.06 4.87
CA GLY B 16 -15.66 -12.53 4.16
C GLY B 16 -16.40 -13.63 3.45
N GLU B 17 -17.56 -13.28 2.92
CA GLU B 17 -18.41 -14.22 2.20
C GLU B 17 -18.04 -14.37 0.73
N THR B 18 -17.29 -13.42 0.17
CA THR B 18 -16.75 -13.50 -1.19
C THR B 18 -15.22 -13.52 -1.13
N THR B 19 -14.63 -14.41 -1.92
CA THR B 19 -13.18 -14.53 -1.98
C THR B 19 -12.68 -13.80 -3.21
N VAL B 20 -11.63 -13.00 -3.03
CA VAL B 20 -10.93 -12.40 -4.14
C VAL B 20 -9.73 -13.28 -4.44
N VAL B 21 -9.55 -13.60 -5.71
CA VAL B 21 -8.51 -14.52 -6.12
C VAL B 21 -7.61 -13.73 -7.04
N LEU B 22 -6.33 -13.67 -6.70
CA LEU B 22 -5.36 -12.85 -7.43
C LEU B 22 -4.35 -13.76 -8.12
N GLY B 23 -4.16 -13.53 -9.41
CA GLY B 23 -3.22 -14.31 -10.21
C GLY B 23 -2.25 -13.44 -11.00
N HIS B 24 -0.96 -13.58 -10.70
CA HIS B 24 0.09 -12.76 -11.26
C HIS B 24 0.35 -13.11 -12.73
N GLY B 25 0.96 -12.17 -13.44
CA GLY B 25 1.30 -12.38 -14.83
C GLY B 25 2.71 -12.93 -15.01
N TYR B 26 3.10 -13.08 -16.27
CA TYR B 26 4.40 -13.62 -16.62
C TYR B 26 5.51 -12.80 -15.96
N GLY B 27 6.50 -13.50 -15.41
CA GLY B 27 7.68 -12.82 -14.90
C GLY B 27 7.56 -12.27 -13.50
N THR B 28 6.39 -12.33 -12.89
CA THR B 28 6.24 -11.95 -11.50
C THR B 28 5.83 -13.17 -10.69
N ASP B 29 5.47 -12.95 -9.43
CA ASP B 29 4.76 -13.95 -8.64
C ASP B 29 3.75 -13.22 -7.78
N GLN B 30 3.25 -13.89 -6.73
CA GLN B 30 2.15 -13.35 -5.95
C GLN B 30 2.59 -12.14 -5.13
N SER B 31 3.89 -11.95 -4.92
CA SER B 31 4.38 -10.74 -4.29
C SER B 31 3.97 -9.47 -5.05
N VAL B 32 3.61 -9.59 -6.34
CA VAL B 32 3.21 -8.44 -7.14
C VAL B 32 1.97 -7.72 -6.61
N TRP B 33 1.21 -8.35 -5.71
CA TRP B 33 -0.05 -7.79 -5.22
C TRP B 33 0.09 -7.19 -3.82
N LYS B 34 1.32 -6.99 -3.33
CA LYS B 34 1.54 -6.62 -1.93
C LYS B 34 0.98 -5.25 -1.58
N LEU B 35 0.91 -4.34 -2.54
CA LEU B 35 0.35 -3.02 -2.29
C LEU B 35 -1.18 -3.00 -2.39
N LEU B 36 -1.79 -3.95 -3.08
CA LEU B 36 -3.25 -3.94 -3.21
C LEU B 36 -3.94 -4.73 -2.11
N VAL B 37 -3.32 -5.80 -1.63
CA VAL B 37 -3.99 -6.74 -0.73
C VAL B 37 -4.49 -6.07 0.54
N PRO B 38 -3.74 -5.19 1.21
CA PRO B 38 -4.25 -4.63 2.48
C PRO B 38 -5.59 -3.94 2.34
N TYR B 39 -5.94 -3.47 1.16
CA TYR B 39 -7.21 -2.79 0.98
C TYR B 39 -8.34 -3.77 0.69
N LEU B 40 -8.05 -5.08 0.74
CA LEU B 40 -9.00 -6.15 0.48
C LEU B 40 -9.39 -6.96 1.70
N VAL B 41 -8.49 -7.17 2.68
CA VAL B 41 -8.68 -8.27 3.62
C VAL B 41 -9.78 -8.02 4.65
N ASP B 42 -10.15 -6.76 4.91
CA ASP B 42 -11.26 -6.51 5.82
C ASP B 42 -12.59 -6.95 5.22
N ASP B 43 -12.71 -6.89 3.90
CA ASP B 43 -14.00 -7.09 3.25
C ASP B 43 -14.10 -8.38 2.46
N TYR B 44 -12.98 -9.06 2.21
CA TYR B 44 -12.96 -10.25 1.39
C TYR B 44 -11.95 -11.23 1.96
N LYS B 45 -12.24 -12.50 1.82
CA LYS B 45 -11.18 -13.50 1.82
C LYS B 45 -10.30 -13.25 0.60
N VAL B 46 -9.01 -13.50 0.75
CA VAL B 46 -8.07 -13.28 -0.34
C VAL B 46 -7.17 -14.50 -0.48
N LEU B 47 -7.07 -15.00 -1.72
CA LEU B 47 -6.29 -16.18 -2.04
C LEU B 47 -5.23 -15.80 -3.07
N LEU B 48 -3.96 -15.93 -2.69
CA LEU B 48 -2.83 -15.72 -3.60
C LEU B 48 -2.21 -17.06 -3.92
N TYR B 49 -1.66 -17.16 -5.12
CA TYR B 49 -1.00 -18.39 -5.58
C TYR B 49 0.02 -18.02 -6.65
N ASP B 50 0.93 -18.94 -6.93
CA ASP B 50 1.92 -18.78 -7.97
C ASP B 50 1.65 -19.76 -9.13
N HIS B 51 1.58 -19.23 -10.34
CA HIS B 51 1.47 -20.09 -11.53
C HIS B 51 2.72 -20.95 -11.66
N MET B 52 2.53 -22.15 -12.23
CA MET B 52 3.63 -23.08 -12.34
C MET B 52 4.64 -22.57 -13.37
N GLY B 53 5.91 -22.55 -12.99
CA GLY B 53 6.94 -21.95 -13.81
C GLY B 53 7.41 -20.61 -13.31
N ALA B 54 6.67 -20.01 -12.40
CA ALA B 54 7.19 -18.89 -11.63
C ALA B 54 8.46 -19.32 -10.92
N GLY B 55 9.29 -18.33 -10.60
CA GLY B 55 10.58 -18.61 -9.98
C GLY B 55 10.49 -19.10 -8.56
N THR B 56 9.36 -18.87 -7.90
CA THR B 56 9.09 -19.44 -6.58
C THR B 56 8.53 -20.86 -6.66
N THR B 57 8.33 -21.43 -7.85
CA THR B 57 7.86 -22.80 -7.97
C THR B 57 8.97 -23.74 -8.46
N ASN B 58 8.89 -24.99 -7.99
CA ASN B 58 9.68 -26.15 -8.34
C ASN B 58 9.98 -26.17 -9.83
N PRO B 59 11.25 -26.29 -10.23
CA PRO B 59 11.55 -26.48 -11.65
C PRO B 59 11.07 -27.81 -12.19
N ASP B 60 10.99 -28.86 -11.36
CA ASP B 60 10.64 -30.20 -11.82
C ASP B 60 9.14 -30.43 -11.90
N TYR B 61 8.35 -29.62 -11.22
CA TYR B 61 6.89 -29.66 -11.41
C TYR B 61 6.47 -29.22 -12.80
N PHE B 62 7.39 -28.63 -13.59
CA PHE B 62 7.01 -27.88 -14.80
C PHE B 62 6.95 -28.81 -16.01
N ASP B 63 5.74 -29.09 -16.45
CA ASP B 63 5.52 -29.96 -17.60
C ASP B 63 5.42 -29.11 -18.86
N PHE B 64 6.47 -29.14 -19.68
CA PHE B 64 6.54 -28.33 -20.88
C PHE B 64 5.34 -28.56 -21.79
N ASP B 65 4.87 -29.80 -21.86
CA ASP B 65 3.72 -30.09 -22.71
C ASP B 65 2.43 -29.60 -22.08
N ARG B 66 2.27 -29.82 -20.77
CA ARG B 66 1.14 -29.25 -20.04
C ARG B 66 1.04 -27.75 -20.26
N TYR B 67 2.11 -27.02 -19.95
CA TYR B 67 2.03 -25.57 -19.94
C TYR B 67 2.27 -24.93 -21.29
N SER B 68 2.47 -25.72 -22.35
CA SER B 68 2.48 -25.20 -23.72
C SER B 68 1.08 -24.95 -24.28
N SER B 69 0.05 -25.16 -23.47
CA SER B 69 -1.31 -24.72 -23.77
C SER B 69 -1.80 -23.89 -22.60
N LEU B 70 -2.61 -22.87 -22.91
CA LEU B 70 -3.09 -22.01 -21.84
C LEU B 70 -3.91 -22.80 -20.83
N GLU B 71 -4.78 -23.69 -21.30
CA GLU B 71 -5.69 -24.39 -20.41
C GLU B 71 -4.95 -25.25 -19.39
N GLY B 72 -3.68 -25.57 -19.62
CA GLY B 72 -2.87 -26.14 -18.57
C GLY B 72 -2.81 -25.25 -17.34
N TYR B 73 -2.79 -23.92 -17.54
CA TYR B 73 -2.89 -22.99 -16.42
C TYR B 73 -4.32 -22.90 -15.89
N SER B 74 -5.30 -22.87 -16.79
CA SER B 74 -6.71 -22.96 -16.38
C SER B 74 -6.96 -24.13 -15.42
N TYR B 75 -6.39 -25.31 -15.69
CA TYR B 75 -6.70 -26.50 -14.89
C TYR B 75 -6.08 -26.42 -13.50
N ASP B 76 -4.86 -25.90 -13.39
CA ASP B 76 -4.30 -25.70 -12.06
C ASP B 76 -5.17 -24.75 -11.26
N LEU B 77 -5.65 -23.67 -11.89
CA LEU B 77 -6.50 -22.73 -11.18
C LEU B 77 -7.74 -23.42 -10.64
N ILE B 78 -8.47 -24.11 -11.53
CA ILE B 78 -9.63 -24.90 -11.15
C ILE B 78 -9.27 -25.82 -9.98
N ALA B 79 -8.12 -26.49 -10.09
CA ALA B 79 -7.72 -27.45 -9.06
C ALA B 79 -7.40 -26.77 -7.75
N ILE B 80 -6.87 -25.54 -7.79
CA ILE B 80 -6.57 -24.79 -6.58
C ILE B 80 -7.86 -24.33 -5.90
N LEU B 81 -8.79 -23.75 -6.68
CA LEU B 81 -10.07 -23.29 -6.13
C LEU B 81 -10.89 -24.44 -5.50
N GLU B 82 -10.80 -25.64 -6.05
CA GLU B 82 -11.60 -26.72 -5.49
C GLU B 82 -10.92 -27.34 -4.28
N GLU B 83 -9.59 -27.31 -4.22
CA GLU B 83 -8.94 -27.81 -3.02
C GLU B 83 -9.27 -26.93 -1.81
N PHE B 84 -9.36 -25.62 -2.01
CA PHE B 84 -9.66 -24.67 -0.96
C PHE B 84 -11.14 -24.29 -0.91
N GLN B 85 -11.96 -24.94 -1.74
CA GLN B 85 -13.41 -24.82 -1.66
C GLN B 85 -13.86 -23.38 -1.86
N VAL B 86 -13.30 -22.72 -2.85
CA VAL B 86 -13.79 -21.41 -3.27
C VAL B 86 -14.81 -21.63 -4.39
N SER B 87 -15.82 -20.76 -4.47
CA SER B 87 -16.73 -20.72 -5.62
C SER B 87 -17.28 -19.32 -5.76
N LYS B 88 -17.62 -18.96 -7.00
CA LYS B 88 -18.04 -17.59 -7.33
C LYS B 88 -17.01 -16.55 -6.85
N CYS B 89 -15.71 -16.83 -7.02
CA CYS B 89 -14.73 -15.86 -6.58
C CYS B 89 -14.72 -14.66 -7.52
N ILE B 90 -14.14 -13.58 -7.05
CA ILE B 90 -13.78 -12.46 -7.92
C ILE B 90 -12.33 -12.66 -8.30
N TYR B 91 -12.10 -12.93 -9.58
CA TYR B 91 -10.75 -13.21 -10.06
C TYR B 91 -10.12 -11.92 -10.56
N VAL B 92 -8.96 -11.61 -10.02
CA VAL B 92 -8.14 -10.50 -10.48
C VAL B 92 -6.86 -11.13 -11.00
N GLY B 93 -6.63 -11.00 -12.32
CA GLY B 93 -5.42 -11.51 -12.92
C GLY B 93 -4.80 -10.46 -13.80
N HIS B 94 -3.56 -10.70 -14.19
CA HIS B 94 -2.84 -9.79 -15.04
C HIS B 94 -2.44 -10.51 -16.31
N SER B 95 -2.43 -9.76 -17.42
CA SER B 95 -1.99 -10.30 -18.70
C SER B 95 -2.63 -11.66 -18.99
N MET B 96 -1.80 -12.70 -19.19
CA MET B 96 -2.33 -14.00 -19.60
C MET B 96 -2.85 -14.83 -18.44
N SER B 97 -2.51 -14.50 -17.20
CA SER B 97 -3.23 -15.06 -16.06
C SER B 97 -4.74 -14.88 -16.21
N SER B 98 -5.17 -13.71 -16.66
CA SER B 98 -6.61 -13.48 -16.71
C SER B 98 -7.25 -14.16 -17.92
N MET B 99 -6.50 -14.35 -19.02
CA MET B 99 -7.00 -15.21 -20.09
C MET B 99 -7.04 -16.66 -19.63
N ALA B 100 -6.11 -17.09 -18.79
CA ALA B 100 -6.22 -18.40 -18.15
C ALA B 100 -7.44 -18.46 -17.26
N ALA B 101 -7.75 -17.35 -16.59
CA ALA B 101 -8.96 -17.32 -15.78
C ALA B 101 -10.21 -17.40 -16.65
N ALA B 102 -10.20 -16.72 -17.80
CA ALA B 102 -11.38 -16.69 -18.66
C ALA B 102 -11.70 -18.07 -19.22
N VAL B 103 -10.67 -18.81 -19.64
CA VAL B 103 -10.90 -20.16 -20.16
C VAL B 103 -11.43 -21.07 -19.05
N ALA B 104 -10.93 -20.90 -17.83
CA ALA B 104 -11.45 -21.69 -16.71
C ALA B 104 -12.93 -21.37 -16.44
N SER B 105 -13.35 -20.12 -16.63
CA SER B 105 -14.76 -19.82 -16.41
C SER B 105 -15.64 -20.43 -17.49
N ILE B 106 -15.13 -20.58 -18.71
CA ILE B 106 -15.82 -21.41 -19.70
C ILE B 106 -15.99 -22.81 -19.14
N PHE B 107 -14.91 -23.37 -18.60
CA PHE B 107 -14.94 -24.75 -18.12
C PHE B 107 -15.82 -24.89 -16.88
N ARG B 108 -15.67 -23.99 -15.91
CA ARG B 108 -16.31 -24.09 -14.60
C ARG B 108 -16.89 -22.74 -14.22
N PRO B 109 -17.98 -22.32 -14.88
CA PRO B 109 -18.48 -20.97 -14.65
C PRO B 109 -19.05 -20.77 -13.26
N ASP B 110 -19.43 -21.86 -12.59
CA ASP B 110 -19.85 -21.80 -11.19
C ASP B 110 -18.75 -21.25 -10.28
N LEU B 111 -17.49 -21.25 -10.70
CA LEU B 111 -16.44 -20.88 -9.76
C LEU B 111 -16.09 -19.40 -9.80
N PHE B 112 -16.67 -18.64 -10.73
CA PHE B 112 -16.27 -17.26 -10.95
C PHE B 112 -17.51 -16.37 -10.90
N HIS B 113 -17.49 -15.36 -10.03
CA HIS B 113 -18.55 -14.37 -10.07
C HIS B 113 -18.19 -13.28 -11.06
N LYS B 114 -16.91 -12.92 -11.17
CA LYS B 114 -16.49 -12.03 -12.23
C LYS B 114 -14.99 -12.11 -12.40
N LEU B 115 -14.51 -11.58 -13.53
CA LEU B 115 -13.09 -11.48 -13.79
C LEU B 115 -12.71 -10.01 -13.88
N VAL B 116 -11.69 -9.62 -13.13
CA VAL B 116 -11.08 -8.31 -13.30
C VAL B 116 -9.75 -8.57 -13.97
N MET B 117 -9.58 -7.99 -15.15
CA MET B 117 -8.45 -8.31 -16.02
C MET B 117 -7.63 -7.05 -16.24
N ILE B 118 -6.35 -7.12 -15.88
CA ILE B 118 -5.40 -6.04 -16.08
C ILE B 118 -4.54 -6.37 -17.29
N SER B 119 -4.62 -5.54 -18.32
CA SER B 119 -3.85 -5.67 -19.56
C SER B 119 -4.10 -7.01 -20.25
N PRO B 120 -5.35 -7.37 -20.56
CA PRO B 120 -5.59 -8.60 -21.30
C PRO B 120 -5.49 -8.39 -22.80
N THR B 121 -5.14 -9.48 -23.48
CA THR B 121 -5.19 -9.49 -24.93
C THR B 121 -5.43 -10.91 -25.41
N PRO B 122 -6.26 -11.11 -26.44
CA PRO B 122 -6.47 -12.47 -26.94
C PRO B 122 -5.33 -12.95 -27.84
N ARG B 123 -4.74 -12.04 -28.60
CA ARG B 123 -3.76 -12.40 -29.60
C ARG B 123 -2.81 -11.23 -29.83
N LEU B 124 -1.50 -11.50 -29.83
CA LEU B 124 -0.47 -10.49 -30.05
C LEU B 124 -0.18 -10.23 -31.53
N ILE B 125 -0.08 -11.28 -32.36
CA ILE B 125 0.37 -11.18 -33.74
C ILE B 125 -0.75 -10.66 -34.63
N ASN B 126 -0.40 -9.78 -35.57
CA ASN B 126 -1.37 -9.17 -36.45
C ASN B 126 -1.81 -10.11 -37.58
N THR B 127 -2.94 -9.76 -38.19
CA THR B 127 -3.44 -10.35 -39.42
C THR B 127 -3.97 -9.22 -40.29
N GLU B 128 -4.38 -9.57 -41.52
CA GLU B 128 -5.18 -8.64 -42.30
C GLU B 128 -6.44 -8.25 -41.54
N GLU B 129 -7.00 -9.20 -40.79
CA GLU B 129 -8.30 -9.03 -40.13
C GLU B 129 -8.17 -8.31 -38.79
N TYR B 130 -7.14 -8.62 -38.01
CA TYR B 130 -7.08 -8.25 -36.60
C TYR B 130 -5.74 -7.61 -36.26
N TYR B 131 -5.77 -6.60 -35.39
CA TYR B 131 -4.57 -5.93 -34.91
C TYR B 131 -4.33 -6.33 -33.45
N GLY B 132 -3.24 -7.02 -33.19
CA GLY B 132 -2.83 -7.35 -31.84
C GLY B 132 -1.59 -6.57 -31.41
N GLY B 133 -1.03 -5.78 -32.33
CA GLY B 133 0.09 -4.92 -32.05
C GLY B 133 1.42 -5.41 -32.57
N PHE B 134 1.51 -6.66 -33.03
CA PHE B 134 2.76 -7.24 -33.49
C PHE B 134 2.58 -7.78 -34.91
N GLU B 135 3.38 -7.25 -35.84
CA GLU B 135 3.53 -7.89 -37.13
C GLU B 135 4.22 -9.23 -36.95
N GLN B 136 3.88 -10.14 -37.79
CA GLN B 136 4.53 -11.41 -37.70
C GLN B 136 6.08 -11.32 -37.88
N LYS B 137 6.61 -10.42 -38.76
CA LYS B 137 8.06 -10.25 -38.99
C LYS B 137 8.73 -9.93 -37.67
N VAL B 138 8.11 -9.03 -36.94
CA VAL B 138 8.63 -8.62 -35.64
C VAL B 138 8.67 -9.78 -34.65
N MET B 139 7.63 -10.63 -34.59
CA MET B 139 7.62 -11.68 -33.59
C MET B 139 8.65 -12.76 -33.90
N ASP B 140 8.85 -13.07 -35.17
CA ASP B 140 9.88 -14.02 -35.58
C ASP B 140 11.26 -13.62 -35.12
N GLU B 141 11.59 -12.32 -35.19
CA GLU B 141 12.94 -11.93 -34.81
C GLU B 141 13.12 -11.85 -33.30
N THR B 142 12.06 -11.51 -32.57
CA THR B 142 12.18 -11.49 -31.11
C THR B 142 12.28 -12.91 -30.55
N LEU B 143 11.42 -13.81 -31.04
CA LEU B 143 11.49 -15.19 -30.58
C LEU B 143 12.80 -15.86 -30.98
N ARG B 144 13.35 -15.49 -32.14
CA ARG B 144 14.69 -15.95 -32.47
C ARG B 144 15.72 -15.30 -31.57
N SER B 145 15.53 -14.01 -31.24
CA SER B 145 16.42 -13.34 -30.30
C SER B 145 16.42 -14.01 -28.94
N LEU B 146 15.38 -14.78 -28.62
CA LEU B 146 15.23 -15.38 -27.29
C LEU B 146 16.27 -16.47 -27.02
N ASP B 147 15.98 -17.72 -27.37
CA ASP B 147 16.92 -18.78 -27.02
C ASP B 147 18.30 -18.58 -27.65
N GLU B 148 18.46 -17.62 -28.55
CA GLU B 148 19.81 -17.24 -29.03
C GLU B 148 20.56 -16.42 -27.98
N ASN B 149 19.91 -15.39 -27.40
CA ASN B 149 20.42 -14.66 -26.24
C ASN B 149 19.21 -14.33 -25.38
N PHE B 150 18.68 -15.37 -24.72
CA PHE B 150 17.62 -15.19 -23.73
C PHE B 150 17.94 -14.01 -22.85
N LYS B 151 19.18 -13.96 -22.39
CA LYS B 151 19.67 -12.93 -21.48
C LYS B 151 19.46 -11.48 -21.93
N SER B 152 19.76 -11.19 -23.18
CA SER B 152 19.62 -9.83 -23.67
C SER B 152 18.16 -9.47 -23.93
N LEU B 153 17.39 -10.40 -24.49
CA LEU B 153 15.98 -10.12 -24.77
C LEU B 153 15.20 -9.92 -23.47
N SER B 154 15.39 -10.82 -22.50
CA SER B 154 14.64 -10.72 -21.25
C SER B 154 14.85 -9.35 -20.59
N LEU B 155 16.11 -8.93 -20.41
CA LEU B 155 16.35 -7.61 -19.79
C LEU B 155 16.25 -6.46 -20.79
N GLY B 156 16.48 -6.72 -22.08
CA GLY B 156 16.35 -5.65 -23.06
C GLY B 156 14.93 -5.18 -23.25
N THR B 157 13.95 -6.10 -23.22
CA THR B 157 12.57 -5.67 -23.42
C THR B 157 11.99 -5.00 -22.18
N ALA B 158 12.56 -5.24 -20.99
CA ALA B 158 11.92 -4.83 -19.76
C ALA B 158 11.57 -3.34 -19.70
N PRO B 159 12.49 -2.39 -19.97
CA PRO B 159 12.10 -0.96 -19.89
C PRO B 159 10.91 -0.60 -20.77
N LEU B 160 10.76 -1.26 -21.92
CA LEU B 160 9.65 -0.97 -22.81
C LEU B 160 8.36 -1.57 -22.30
N LEU B 161 8.45 -2.76 -21.70
CA LEU B 161 7.27 -3.45 -21.18
C LEU B 161 6.66 -2.70 -20.02
N LEU B 162 7.47 -2.34 -19.04
CA LEU B 162 7.03 -1.65 -17.84
C LEU B 162 6.92 -0.14 -18.01
N ALA B 163 7.60 0.44 -18.99
CA ALA B 163 7.76 1.88 -19.13
C ALA B 163 8.24 2.49 -17.80
N CYS B 164 9.41 2.02 -17.37
CA CYS B 164 10.05 2.48 -16.14
C CYS B 164 11.57 2.36 -16.30
N ASP B 165 12.31 3.18 -15.56
CA ASP B 165 13.77 3.18 -15.63
C ASP B 165 14.38 2.22 -14.60
N LEU B 166 15.66 1.94 -14.76
CA LEU B 166 16.30 0.92 -13.92
C LEU B 166 16.34 1.31 -12.45
N GLU B 167 16.33 2.62 -12.14
CA GLU B 167 16.36 3.02 -10.74
C GLU B 167 15.01 2.84 -10.06
N SER B 168 13.95 2.64 -10.84
CA SER B 168 12.60 2.51 -10.31
C SER B 168 12.51 1.30 -9.39
N ALA B 169 11.82 1.47 -8.27
CA ALA B 169 11.51 0.33 -7.42
C ALA B 169 10.71 -0.70 -8.18
N ALA B 170 9.84 -0.26 -9.10
CA ALA B 170 9.09 -1.18 -9.95
C ALA B 170 10.03 -2.06 -10.77
N MET B 171 10.95 -1.43 -11.49
CA MET B 171 11.78 -2.19 -12.42
C MET B 171 12.64 -3.19 -11.68
N GLN B 172 13.19 -2.78 -10.53
CA GLN B 172 14.05 -3.67 -9.78
C GLN B 172 13.26 -4.83 -9.23
N GLU B 173 12.02 -4.56 -8.82
CA GLU B 173 11.13 -5.63 -8.36
C GLU B 173 10.81 -6.61 -9.48
N TYR B 174 10.54 -6.10 -10.69
CA TYR B 174 10.20 -7.00 -11.80
C TYR B 174 11.37 -7.86 -12.22
N CYS B 175 12.59 -7.28 -12.24
CA CYS B 175 13.78 -8.05 -12.56
C CYS B 175 14.08 -9.09 -11.48
N ARG B 176 13.79 -8.76 -10.22
CA ARG B 176 14.06 -9.73 -9.16
C ARG B 176 13.36 -11.05 -9.46
N THR B 177 12.05 -11.00 -9.74
CA THR B 177 11.35 -12.26 -10.00
C THR B 177 11.66 -12.80 -11.40
N LEU B 178 11.69 -11.93 -12.42
CA LEU B 178 11.91 -12.41 -13.79
C LEU B 178 13.23 -13.17 -13.91
N PHE B 179 14.28 -12.70 -13.23
CA PHE B 179 15.59 -13.34 -13.31
C PHE B 179 15.60 -14.68 -12.58
N ASN B 180 14.73 -14.86 -11.59
CA ASN B 180 14.78 -16.10 -10.84
C ASN B 180 14.04 -17.23 -11.57
N MET B 181 13.59 -16.97 -12.78
CA MET B 181 13.00 -18.03 -13.58
C MET B 181 14.10 -18.85 -14.25
N ARG B 182 13.77 -20.12 -14.56
CA ARG B 182 14.79 -20.80 -15.32
C ARG B 182 14.63 -20.50 -16.80
N PRO B 183 15.73 -20.26 -17.50
CA PRO B 183 15.63 -19.84 -18.91
C PRO B 183 14.79 -20.77 -19.77
N ASP B 184 14.99 -22.09 -19.69
CA ASP B 184 14.20 -22.98 -20.54
C ASP B 184 12.72 -22.87 -20.22
N ILE B 185 12.38 -22.83 -18.93
CA ILE B 185 10.99 -22.66 -18.51
C ILE B 185 10.42 -21.36 -19.08
N ALA B 186 11.13 -20.25 -18.88
CA ALA B 186 10.63 -18.96 -19.35
C ALA B 186 10.44 -18.96 -20.87
N CYS B 187 11.34 -19.62 -21.60
CA CYS B 187 11.20 -19.68 -23.05
C CYS B 187 9.96 -20.44 -23.46
N CYS B 188 9.64 -21.52 -22.73
CA CYS B 188 8.43 -22.27 -23.01
C CYS B 188 7.20 -21.40 -22.81
N ILE B 189 7.11 -20.70 -21.67
CA ILE B 189 5.94 -19.88 -21.40
C ILE B 189 5.85 -18.75 -22.40
N THR B 190 6.98 -18.12 -22.71
CA THR B 190 7.00 -17.01 -23.67
C THR B 190 6.53 -17.49 -25.04
N ARG B 191 7.10 -18.60 -25.52
CA ARG B 191 6.67 -19.17 -26.79
C ARG B 191 5.18 -19.48 -26.77
N MET B 192 4.67 -19.99 -25.65
CA MET B 192 3.23 -20.16 -25.52
C MET B 192 2.49 -18.84 -25.67
N ILE B 193 2.73 -17.87 -24.76
CA ILE B 193 2.01 -16.60 -24.81
C ILE B 193 2.03 -16.00 -26.22
N CYS B 194 3.21 -15.96 -26.85
CA CYS B 194 3.30 -15.37 -28.19
C CYS B 194 2.49 -16.14 -29.23
N GLY B 195 2.31 -17.43 -29.03
CA GLY B 195 1.52 -18.17 -30.00
C GLY B 195 0.08 -18.38 -29.58
N LEU B 196 -0.55 -17.35 -29.00
CA LEU B 196 -1.92 -17.44 -28.51
C LEU B 196 -2.90 -16.80 -29.50
N ASP B 197 -4.06 -17.48 -29.72
CA ASP B 197 -5.20 -16.89 -30.43
C ASP B 197 -6.46 -17.38 -29.75
N LEU B 198 -6.79 -16.75 -28.64
CA LEU B 198 -8.00 -17.12 -27.92
C LEU B 198 -9.26 -16.59 -28.59
N ARG B 199 -9.13 -15.77 -29.64
CA ARG B 199 -10.29 -15.14 -30.27
C ARG B 199 -11.45 -16.08 -30.58
N PRO B 200 -11.25 -17.31 -31.06
CA PRO B 200 -12.41 -18.17 -31.38
C PRO B 200 -13.31 -18.48 -30.20
N TYR B 201 -12.80 -18.40 -28.97
CA TYR B 201 -13.52 -18.88 -27.79
C TYR B 201 -14.04 -17.76 -26.91
N LEU B 202 -13.99 -16.51 -27.39
CA LEU B 202 -14.38 -15.39 -26.55
C LEU B 202 -15.90 -15.29 -26.43
N GLY B 203 -16.63 -15.50 -27.52
CA GLY B 203 -18.09 -15.41 -27.50
C GLY B 203 -18.66 -16.50 -26.61
N HIS B 204 -17.71 -17.28 -26.07
CA HIS B 204 -17.96 -18.46 -25.27
C HIS B 204 -17.69 -18.23 -23.77
N VAL B 205 -17.16 -17.07 -23.42
CA VAL B 205 -16.97 -16.71 -22.02
C VAL B 205 -18.30 -16.03 -21.65
N THR B 206 -18.86 -16.33 -20.47
CA THR B 206 -20.15 -15.76 -20.09
C THR B 206 -20.14 -14.93 -18.80
N VAL B 207 -19.23 -15.19 -17.89
CA VAL B 207 -19.21 -14.47 -16.61
C VAL B 207 -18.79 -13.03 -16.91
N PRO B 208 -19.23 -12.05 -16.11
CA PRO B 208 -18.87 -10.65 -16.39
C PRO B 208 -17.35 -10.40 -16.31
N CYS B 209 -16.86 -9.52 -17.19
CA CYS B 209 -15.43 -9.30 -17.36
C CYS B 209 -15.15 -7.81 -17.28
N HIS B 210 -14.20 -7.38 -16.43
CA HIS B 210 -13.78 -5.98 -16.33
C HIS B 210 -12.38 -5.88 -16.90
N ILE B 211 -12.20 -5.08 -17.95
CA ILE B 211 -10.96 -5.00 -18.70
C ILE B 211 -10.26 -3.69 -18.33
N ILE B 212 -9.16 -3.79 -17.60
CA ILE B 212 -8.39 -2.64 -17.17
C ILE B 212 -7.09 -2.63 -17.97
N GLN B 213 -6.79 -1.51 -18.62
CA GLN B 213 -5.58 -1.48 -19.43
C GLN B 213 -4.95 -0.10 -19.42
N SER B 214 -3.68 -0.08 -19.80
CA SER B 214 -2.91 1.14 -19.94
C SER B 214 -3.32 1.90 -21.19
N SER B 215 -3.27 3.22 -21.11
N SER B 215 -3.28 3.23 -21.10
CA SER B 215 -3.47 4.03 -22.32
CA SER B 215 -3.46 4.05 -22.29
C SER B 215 -2.35 3.80 -23.32
C SER B 215 -2.36 3.77 -23.31
N ASN B 216 -1.16 3.45 -22.84
CA ASN B 216 -0.04 3.10 -23.71
C ASN B 216 0.64 1.85 -23.16
N ASP B 217 0.60 0.78 -23.93
CA ASP B 217 1.17 -0.50 -23.56
C ASP B 217 1.62 -1.17 -24.85
N ILE B 218 2.88 -1.62 -24.90
CA ILE B 218 3.39 -2.22 -26.12
C ILE B 218 2.73 -3.55 -26.46
N MET B 219 2.09 -4.21 -25.49
CA MET B 219 1.44 -5.48 -25.74
C MET B 219 -0.05 -5.35 -25.95
N VAL B 220 -0.64 -4.21 -25.61
CA VAL B 220 -2.10 -4.10 -25.61
C VAL B 220 -2.53 -2.76 -26.21
N PRO B 221 -2.68 -2.66 -27.53
CA PRO B 221 -3.33 -1.47 -28.10
C PRO B 221 -4.69 -1.27 -27.46
N VAL B 222 -5.09 -0.01 -27.31
CA VAL B 222 -6.39 0.29 -26.74
C VAL B 222 -7.49 -0.43 -27.52
N ALA B 223 -7.35 -0.51 -28.86
CA ALA B 223 -8.36 -1.21 -29.66
C ALA B 223 -8.48 -2.68 -29.30
N VAL B 224 -7.44 -3.28 -28.69
CA VAL B 224 -7.54 -4.67 -28.26
C VAL B 224 -8.57 -4.81 -27.14
N GLY B 225 -8.53 -3.89 -26.16
CA GLY B 225 -9.51 -3.95 -25.09
C GLY B 225 -10.92 -3.75 -25.60
N GLU B 226 -11.10 -2.79 -26.51
CA GLU B 226 -12.42 -2.61 -27.11
C GLU B 226 -12.88 -3.87 -27.83
N TYR B 227 -12.03 -4.41 -28.69
CA TYR B 227 -12.32 -5.67 -29.34
C TYR B 227 -12.69 -6.76 -28.33
N LEU B 228 -11.97 -6.82 -27.21
CA LEU B 228 -12.33 -7.78 -26.17
C LEU B 228 -13.74 -7.53 -25.64
N ARG B 229 -14.10 -6.26 -25.42
CA ARG B 229 -15.38 -5.95 -24.80
C ARG B 229 -16.55 -6.45 -25.65
N LYS B 230 -16.47 -6.32 -26.98
CA LYS B 230 -17.57 -6.62 -27.89
C LYS B 230 -17.65 -8.09 -28.28
N ASN B 231 -16.61 -8.89 -28.03
CA ASN B 231 -16.65 -10.28 -28.42
C ASN B 231 -16.83 -11.24 -27.26
N LEU B 232 -16.63 -10.79 -26.02
CA LEU B 232 -16.94 -11.67 -24.90
C LEU B 232 -18.44 -11.97 -24.87
N GLY B 233 -18.78 -13.18 -24.43
CA GLY B 233 -20.17 -13.60 -24.46
C GLY B 233 -21.03 -13.00 -23.36
N GLY B 234 -20.41 -12.50 -22.29
CA GLY B 234 -21.16 -11.98 -21.17
C GLY B 234 -21.14 -10.47 -21.14
N PRO B 235 -21.57 -9.88 -20.04
CA PRO B 235 -21.42 -8.44 -19.87
C PRO B 235 -19.96 -8.05 -19.79
N SER B 236 -19.68 -6.81 -20.13
CA SER B 236 -18.29 -6.39 -20.15
C SER B 236 -18.23 -4.86 -20.07
N VAL B 237 -17.08 -4.37 -19.59
CA VAL B 237 -16.81 -2.95 -19.49
C VAL B 237 -15.30 -2.74 -19.64
N VAL B 238 -14.92 -1.64 -20.27
CA VAL B 238 -13.53 -1.28 -20.51
C VAL B 238 -13.26 0.05 -19.84
N GLU B 239 -12.09 0.16 -19.19
CA GLU B 239 -11.61 1.40 -18.60
C GLU B 239 -10.14 1.55 -18.97
N VAL B 240 -9.82 2.55 -19.78
CA VAL B 240 -8.45 2.82 -20.18
C VAL B 240 -7.86 3.76 -19.13
N MET B 241 -6.85 3.28 -18.40
CA MET B 241 -6.27 4.14 -17.36
C MET B 241 -5.24 5.09 -17.97
N PRO B 242 -5.07 6.28 -17.37
CA PRO B 242 -4.04 7.20 -17.84
C PRO B 242 -2.65 6.74 -17.43
N THR B 243 -2.31 5.49 -17.71
CA THR B 243 -1.03 4.91 -17.33
C THR B 243 -0.24 4.55 -18.57
N GLU B 244 1.01 4.17 -18.35
CA GLU B 244 1.86 3.59 -19.40
C GLU B 244 2.45 2.30 -18.85
N GLY B 245 2.54 1.30 -19.71
CA GLY B 245 3.21 0.06 -19.36
C GLY B 245 2.30 -1.15 -19.38
N HIS B 246 2.89 -2.34 -19.48
CA HIS B 246 2.14 -3.58 -19.43
C HIS B 246 1.85 -4.01 -18.00
N LEU B 247 2.49 -3.43 -16.99
CA LEU B 247 2.24 -3.79 -15.58
C LEU B 247 1.88 -2.56 -14.75
N PRO B 248 0.77 -1.89 -15.09
CA PRO B 248 0.43 -0.64 -14.36
C PRO B 248 0.19 -0.86 -12.87
N HIS B 249 -0.27 -2.06 -12.47
CA HIS B 249 -0.42 -2.39 -11.06
C HIS B 249 0.92 -2.37 -10.32
N LEU B 250 2.01 -2.64 -11.02
CA LEU B 250 3.34 -2.67 -10.44
C LEU B 250 4.08 -1.35 -10.59
N SER B 251 3.96 -0.72 -11.75
CA SER B 251 4.74 0.48 -11.97
C SER B 251 3.97 1.75 -11.70
N MET B 252 2.64 1.71 -11.63
CA MET B 252 1.86 2.92 -11.37
C MET B 252 0.71 2.63 -10.40
N PRO B 253 1.04 2.18 -9.18
CA PRO B 253 -0.03 1.70 -8.29
C PRO B 253 -0.97 2.80 -7.80
N GLU B 254 -0.50 4.04 -7.70
CA GLU B 254 -1.34 5.12 -7.18
C GLU B 254 -2.53 5.38 -8.08
N VAL B 255 -2.39 5.19 -9.38
CA VAL B 255 -3.53 5.28 -10.29
C VAL B 255 -4.24 3.93 -10.39
N THR B 256 -3.48 2.83 -10.47
CA THR B 256 -4.08 1.55 -10.84
C THR B 256 -4.83 0.93 -9.67
N ILE B 257 -4.29 1.02 -8.45
CA ILE B 257 -4.95 0.38 -7.30
C ILE B 257 -6.36 0.91 -7.06
N PRO B 258 -6.61 2.22 -7.08
CA PRO B 258 -8.01 2.68 -6.95
C PRO B 258 -8.92 2.20 -8.07
N VAL B 259 -8.43 2.07 -9.31
CA VAL B 259 -9.28 1.57 -10.38
C VAL B 259 -9.61 0.09 -10.17
N VAL B 260 -8.61 -0.70 -9.80
CA VAL B 260 -8.84 -2.13 -9.55
C VAL B 260 -9.84 -2.32 -8.42
N LEU B 261 -9.69 -1.57 -7.32
CA LEU B 261 -10.57 -1.79 -6.18
C LEU B 261 -12.03 -1.50 -6.55
N ARG B 262 -12.24 -0.46 -7.36
CA ARG B 262 -13.59 -0.06 -7.75
C ARG B 262 -14.25 -1.14 -8.61
N HIS B 263 -13.46 -1.76 -9.50
CA HIS B 263 -13.99 -2.82 -10.33
C HIS B 263 -14.21 -4.11 -9.56
N ILE B 264 -13.44 -4.34 -8.49
CA ILE B 264 -13.73 -5.45 -7.58
C ILE B 264 -15.06 -5.24 -6.83
N ARG B 265 -15.30 -4.01 -6.34
CA ARG B 265 -16.42 -3.77 -5.43
C ARG B 265 -17.75 -3.51 -6.14
N GLN B 266 -17.73 -3.01 -7.38
CA GLN B 266 -18.94 -2.58 -8.07
C GLN B 266 -19.20 -3.57 -9.19
N ASP B 267 -20.41 -4.15 -9.18
CA ASP B 267 -20.83 -5.07 -10.21
C ASP B 267 -21.42 -4.30 -11.39
N ILE B 268 -21.22 -4.85 -12.59
CA ILE B 268 -21.83 -4.27 -13.79
C ILE B 268 -23.36 -4.33 -13.70
#